data_5ONN
#
_entry.id   5ONN
#
_cell.length_a   70.910
_cell.length_b   70.910
_cell.length_c   68.540
_cell.angle_alpha   90.00
_cell.angle_beta   90.00
_cell.angle_gamma   120.00
#
_symmetry.space_group_name_H-M   'P 31 2 1'
#
loop_
_entity.id
_entity.type
_entity.pdbx_description
1 polymer 'L-ectoine synthase'
2 non-polymer 'FE (III) ION'
3 non-polymer '(2~{S})-4-acetamido-2-azanyl-butanoic acid'
4 water water
#
_entity_poly.entity_id   1
_entity_poly.type   'polypeptide(L)'
_entity_poly.pdbx_seq_one_letter_code
;MIVKHLEEIVDTKDDIDTTTWNSRRLLLTKDGMGFSLNDTLIKAGTETLIWYKNHVEAVYCIEGEGEIEVVGGETYPITP
GMMYALDGHEKHYLRARSQMRMVCVFNPPLTGAEVHDEEGTYPLLAPITDGSAWSHPQ
;
_entity_poly.pdbx_strand_id   A
#
# COMPACT_ATOMS: atom_id res chain seq x y z
N MET A 1 4.77 15.94 20.49
CA MET A 1 3.59 16.17 19.61
C MET A 1 4.04 16.11 18.18
N ILE A 2 3.24 15.47 17.33
CA ILE A 2 3.48 15.39 15.90
C ILE A 2 2.17 15.75 15.21
N VAL A 3 2.23 16.66 14.24
CA VAL A 3 1.07 17.03 13.44
C VAL A 3 1.50 17.06 11.99
N LYS A 4 0.68 16.44 11.14
CA LYS A 4 0.91 16.42 9.70
C LYS A 4 -0.44 16.53 9.00
N HIS A 5 -0.39 16.62 7.66
CA HIS A 5 -1.60 16.63 6.86
C HIS A 5 -1.30 15.92 5.54
N LEU A 6 -2.23 15.05 5.13
CA LEU A 6 -2.10 14.37 3.85
C LEU A 6 -1.82 15.34 2.71
N GLU A 7 -2.48 16.49 2.71
CA GLU A 7 -2.33 17.44 1.61
C GLU A 7 -0.98 18.10 1.57
N GLU A 8 -0.19 18.01 2.64
CA GLU A 8 1.21 18.40 2.62
C GLU A 8 2.10 17.28 2.14
N ILE A 9 1.74 16.04 2.46
CA ILE A 9 2.59 14.89 2.16
C ILE A 9 2.55 14.55 0.69
N VAL A 10 1.42 14.80 0.01
CA VAL A 10 1.30 14.40 -1.37
C VAL A 10 2.35 15.13 -2.20
N ASP A 11 2.85 14.43 -3.20
CA ASP A 11 3.86 14.96 -4.14
C ASP A 11 5.10 15.47 -3.41
N THR A 12 5.53 14.72 -2.40
CA THR A 12 6.67 15.04 -1.56
C THR A 12 7.42 13.73 -1.37
N LYS A 13 8.60 13.79 -0.74
CA LYS A 13 9.40 12.57 -0.60
C LYS A 13 8.74 11.50 0.26
N ASP A 14 7.77 11.86 1.11
CA ASP A 14 7.03 10.88 1.89
C ASP A 14 5.83 10.31 1.16
N ASP A 15 5.64 10.69 -0.10
CA ASP A 15 4.67 10.08 -0.99
C ASP A 15 5.44 9.21 -1.97
N ILE A 16 5.35 7.90 -1.79
CA ILE A 16 6.11 6.94 -2.59
C ILE A 16 5.21 6.36 -3.66
N ASP A 17 5.53 6.64 -4.92
CA ASP A 17 4.74 6.22 -6.05
C ASP A 17 5.40 5.02 -6.72
N THR A 18 4.64 3.94 -6.90
CA THR A 18 5.09 2.71 -7.55
C THR A 18 4.11 2.36 -8.65
N THR A 19 4.36 1.24 -9.33
CA THR A 19 3.50 0.90 -10.46
C THR A 19 2.08 0.59 -10.02
N THR A 20 1.88 0.03 -8.84
CA THR A 20 0.56 -0.39 -8.41
C THR A 20 -0.01 0.41 -7.25
N TRP A 21 0.81 1.19 -6.53
N TRP A 21 0.75 1.30 -6.64
CA TRP A 21 0.40 1.82 -5.28
CA TRP A 21 0.11 2.11 -5.62
C TRP A 21 1.12 3.14 -5.07
C TRP A 21 0.91 3.36 -5.36
N ASN A 22 0.46 4.07 -4.36
CA ASN A 22 1.03 5.36 -4.00
C ASN A 22 0.85 5.43 -2.49
N SER A 23 1.93 5.36 -1.74
CA SER A 23 1.88 5.28 -0.29
C SER A 23 2.26 6.63 0.31
N ARG A 24 1.33 7.24 1.00
CA ARG A 24 1.52 8.53 1.63
C ARG A 24 1.85 8.27 3.10
N ARG A 25 3.13 8.39 3.46
CA ARG A 25 3.57 7.98 4.78
C ARG A 25 3.29 9.08 5.79
N LEU A 26 2.58 8.70 6.85
CA LEU A 26 2.13 9.61 7.89
C LEU A 26 2.99 9.56 9.13
N LEU A 27 3.36 8.36 9.57
CA LEU A 27 4.29 8.17 10.68
C LEU A 27 5.40 7.25 10.20
N LEU A 28 6.62 7.76 10.29
CA LEU A 28 7.81 7.09 9.82
C LEU A 28 8.55 6.47 11.00
N THR A 29 9.57 5.65 10.70
CA THR A 29 10.38 5.12 11.79
C THR A 29 10.92 6.26 12.67
N LYS A 30 11.39 7.34 12.02
CA LYS A 30 11.90 8.54 12.68
C LYS A 30 10.93 9.10 13.72
N ASP A 31 9.64 8.86 13.55
CA ASP A 31 8.67 9.48 14.43
C ASP A 31 8.56 8.77 15.78
N GLY A 32 9.14 7.57 15.92
CA GLY A 32 9.30 6.97 17.23
C GLY A 32 8.05 6.45 17.91
N MET A 33 7.02 6.10 17.15
CA MET A 33 5.77 5.65 17.74
C MET A 33 5.71 4.14 17.96
N GLY A 34 6.67 3.39 17.45
CA GLY A 34 6.65 1.95 17.57
C GLY A 34 5.94 1.26 16.44
N PHE A 35 5.26 2.01 15.58
CA PHE A 35 4.62 1.50 14.38
C PHE A 35 4.78 2.59 13.33
N SER A 36 4.66 2.23 12.06
CA SER A 36 4.49 3.21 11.01
C SER A 36 3.05 3.20 10.54
N LEU A 37 2.65 4.30 9.95
CA LEU A 37 1.27 4.53 9.55
C LEU A 37 1.29 5.22 8.21
N ASN A 38 0.44 4.76 7.29
CA ASN A 38 0.38 5.37 5.97
C ASN A 38 -1.04 5.34 5.43
N ASP A 39 -1.27 6.14 4.41
CA ASP A 39 -2.50 6.18 3.62
C ASP A 39 -2.06 5.79 2.22
N THR A 40 -2.42 4.59 1.80
CA THR A 40 -1.97 4.06 0.52
C THR A 40 -3.13 3.96 -0.46
N LEU A 41 -2.94 4.48 -1.65
CA LEU A 41 -3.85 4.25 -2.76
C LEU A 41 -3.36 3.04 -3.52
N ILE A 42 -4.21 2.05 -3.68
CA ILE A 42 -3.93 0.91 -4.56
C ILE A 42 -4.62 1.21 -5.87
N LYS A 43 -3.84 1.32 -6.97
CA LYS A 43 -4.38 1.83 -8.21
C LYS A 43 -5.35 0.84 -8.87
N ALA A 44 -6.37 1.41 -9.50
CA ALA A 44 -7.42 0.61 -10.12
C ALA A 44 -6.83 -0.38 -11.12
N GLY A 45 -7.34 -1.58 -11.07
CA GLY A 45 -7.00 -2.62 -12.02
C GLY A 45 -5.74 -3.38 -11.69
N THR A 46 -5.10 -3.10 -10.57
CA THR A 46 -3.79 -3.67 -10.30
C THR A 46 -3.85 -4.94 -9.46
N GLU A 47 -2.79 -5.72 -9.57
CA GLU A 47 -2.57 -6.91 -8.77
C GLU A 47 -1.15 -6.87 -8.27
N THR A 48 -0.96 -7.11 -6.98
CA THR A 48 0.35 -7.10 -6.32
C THR A 48 0.40 -8.31 -5.41
N LEU A 49 1.51 -9.06 -5.46
CA LEU A 49 1.74 -10.14 -4.52
C LEU A 49 2.56 -9.56 -3.36
N ILE A 50 2.17 -9.88 -2.15
CA ILE A 50 2.72 -9.25 -0.95
C ILE A 50 3.05 -10.33 0.08
N TRP A 51 4.20 -10.16 0.72
CA TRP A 51 4.60 -11.09 1.78
C TRP A 51 5.56 -10.35 2.70
N TYR A 52 5.07 -9.91 3.85
CA TYR A 52 5.90 -9.22 4.84
C TYR A 52 6.37 -10.25 5.86
N LYS A 53 7.59 -10.74 5.68
CA LYS A 53 8.15 -11.75 6.58
C LYS A 53 8.54 -11.15 7.92
N ASN A 54 8.88 -9.86 7.95
CA ASN A 54 9.49 -9.23 9.12
C ASN A 54 8.59 -8.21 9.79
N HIS A 55 7.33 -8.10 9.37
CA HIS A 55 6.41 -7.16 9.98
C HIS A 55 5.04 -7.78 9.99
N VAL A 56 4.20 -7.31 10.90
CA VAL A 56 2.76 -7.53 10.80
C VAL A 56 2.16 -6.21 10.36
N GLU A 57 1.08 -6.31 9.61
CA GLU A 57 0.43 -5.14 9.01
C GLU A 57 -1.07 -5.25 9.22
N ALA A 58 -1.68 -4.12 9.57
CA ALA A 58 -3.12 -3.97 9.57
C ALA A 58 -3.48 -3.02 8.45
N VAL A 59 -4.57 -3.33 7.75
CA VAL A 59 -5.03 -2.59 6.59
C VAL A 59 -6.52 -2.31 6.76
N TYR A 60 -6.91 -1.04 6.68
CA TYR A 60 -8.31 -0.64 6.84
C TYR A 60 -8.73 0.13 5.60
N CYS A 61 -9.68 -0.42 4.86
CA CYS A 61 -10.12 0.18 3.62
C CYS A 61 -11.15 1.26 3.90
N ILE A 62 -10.91 2.46 3.40
CA ILE A 62 -11.88 3.53 3.56
C ILE A 62 -12.52 3.97 2.26
N GLU A 63 -11.97 3.58 1.10
CA GLU A 63 -12.59 3.84 -0.19
C GLU A 63 -12.26 2.70 -1.13
N GLY A 64 -13.19 2.38 -2.02
CA GLY A 64 -12.92 1.49 -3.12
C GLY A 64 -13.26 0.04 -2.88
N GLU A 65 -12.99 -0.77 -3.90
CA GLU A 65 -13.38 -2.17 -3.94
C GLU A 65 -12.30 -3.01 -4.58
N GLY A 66 -12.08 -4.18 -4.01
CA GLY A 66 -11.11 -5.13 -4.54
C GLY A 66 -11.14 -6.40 -3.76
N GLU A 67 -10.02 -7.11 -3.65
CA GLU A 67 -10.00 -8.33 -2.88
C GLU A 67 -8.58 -8.64 -2.43
N ILE A 68 -8.48 -9.40 -1.36
CA ILE A 68 -7.22 -9.97 -0.93
C ILE A 68 -7.37 -11.48 -0.96
N GLU A 69 -6.46 -12.16 -1.67
CA GLU A 69 -6.43 -13.61 -1.72
C GLU A 69 -5.23 -14.10 -0.94
N VAL A 70 -5.46 -14.87 0.11
CA VAL A 70 -4.39 -15.43 0.93
C VAL A 70 -3.91 -16.69 0.24
N VAL A 71 -2.60 -16.77 -0.01
CA VAL A 71 -2.02 -17.97 -0.61
C VAL A 71 -2.18 -19.11 0.38
N GLY A 72 -2.85 -20.17 -0.03
CA GLY A 72 -3.17 -21.26 0.86
C GLY A 72 -4.31 -21.01 1.79
N GLY A 73 -5.07 -19.93 1.56
CA GLY A 73 -6.20 -19.58 2.38
C GLY A 73 -7.34 -19.10 1.51
N GLU A 74 -8.12 -18.16 2.02
CA GLU A 74 -9.35 -17.74 1.36
C GLU A 74 -9.17 -16.42 0.62
N THR A 75 -10.20 -16.04 -0.14
CA THR A 75 -10.29 -14.75 -0.82
C THR A 75 -11.35 -13.89 -0.16
N TYR A 76 -10.96 -12.70 0.27
CA TYR A 76 -11.82 -11.79 1.02
C TYR A 76 -12.07 -10.54 0.22
N PRO A 77 -13.28 -10.27 -0.23
CA PRO A 77 -13.57 -8.99 -0.86
C PRO A 77 -13.27 -7.82 0.07
N ILE A 78 -12.77 -6.75 -0.53
CA ILE A 78 -12.44 -5.52 0.16
C ILE A 78 -13.44 -4.47 -0.27
N THR A 79 -14.08 -3.81 0.71
CA THR A 79 -15.03 -2.71 0.52
C THR A 79 -14.74 -1.71 1.62
N PRO A 80 -15.28 -0.50 1.56
CA PRO A 80 -15.08 0.43 2.68
C PRO A 80 -15.57 -0.18 3.97
N GLY A 81 -14.75 -0.09 5.00
CA GLY A 81 -15.02 -0.66 6.29
C GLY A 81 -14.39 -2.01 6.52
N MET A 82 -13.85 -2.66 5.48
CA MET A 82 -13.19 -3.94 5.63
C MET A 82 -11.80 -3.73 6.22
N MET A 83 -11.42 -4.57 7.18
CA MET A 83 -10.10 -4.53 7.78
C MET A 83 -9.50 -5.92 7.74
N TYR A 84 -8.26 -6.02 7.32
CA TYR A 84 -7.51 -7.27 7.47
C TYR A 84 -6.19 -7.01 8.16
N ALA A 85 -5.72 -8.02 8.87
CA ALA A 85 -4.46 -7.91 9.58
C ALA A 85 -3.68 -9.20 9.37
N LEU A 86 -2.43 -9.05 8.96
CA LEU A 86 -1.59 -10.18 8.54
C LEU A 86 -0.74 -10.61 9.73
N ASP A 87 -1.41 -11.11 10.77
CA ASP A 87 -0.71 -11.53 11.98
C ASP A 87 0.05 -12.84 11.80
N GLY A 88 -0.19 -13.57 10.72
CA GLY A 88 0.54 -14.79 10.43
C GLY A 88 1.55 -14.63 9.32
N HIS A 89 1.90 -13.39 8.99
CA HIS A 89 2.85 -13.11 7.92
C HIS A 89 2.41 -13.76 6.60
N GLU A 90 1.12 -13.67 6.31
CA GLU A 90 0.54 -14.36 5.17
C GLU A 90 1.02 -13.77 3.85
N LYS A 91 1.37 -14.65 2.93
CA LYS A 91 1.57 -14.29 1.54
C LYS A 91 0.20 -14.10 0.89
N HIS A 92 0.03 -13.01 0.13
CA HIS A 92 -1.31 -12.70 -0.39
C HIS A 92 -1.25 -11.90 -1.67
N TYR A 93 -2.29 -12.03 -2.48
CA TYR A 93 -2.50 -11.13 -3.60
C TYR A 93 -3.43 -10.01 -3.18
N LEU A 94 -3.12 -8.79 -3.57
CA LEU A 94 -3.94 -7.63 -3.35
C LEU A 94 -4.36 -7.09 -4.70
N ARG A 95 -5.66 -7.08 -4.96
CA ARG A 95 -6.24 -6.69 -6.23
C ARG A 95 -7.20 -5.54 -6.02
N ALA A 96 -7.10 -4.52 -6.86
CA ALA A 96 -7.99 -3.37 -6.82
C ALA A 96 -8.90 -3.36 -8.05
N ARG A 97 -10.21 -3.45 -7.84
CA ARG A 97 -11.13 -3.26 -8.96
C ARG A 97 -11.27 -1.78 -9.26
N SER A 98 -11.66 -0.97 -8.29
CA SER A 98 -11.52 0.47 -8.33
C SER A 98 -10.35 0.86 -7.45
N GLN A 99 -9.93 2.11 -7.54
CA GLN A 99 -8.85 2.57 -6.68
C GLN A 99 -9.27 2.34 -5.22
N MET A 100 -8.38 1.75 -4.44
CA MET A 100 -8.65 1.52 -3.02
C MET A 100 -7.80 2.46 -2.18
N ARG A 101 -8.39 3.05 -1.16
CA ARG A 101 -7.66 3.88 -0.20
C ARG A 101 -7.61 3.13 1.11
N MET A 102 -6.40 2.87 1.57
CA MET A 102 -6.13 1.96 2.68
C MET A 102 -5.31 2.68 3.73
N VAL A 103 -5.77 2.68 4.97
CA VAL A 103 -4.97 3.13 6.09
C VAL A 103 -4.24 1.92 6.63
N CYS A 104 -2.91 1.97 6.62
CA CYS A 104 -2.07 0.81 6.92
C CYS A 104 -1.18 1.10 8.12
N VAL A 105 -1.02 0.10 8.98
CA VAL A 105 -0.18 0.17 10.18
C VAL A 105 0.80 -0.99 10.13
N PHE A 106 2.10 -0.69 10.31
CA PHE A 106 3.15 -1.72 10.33
C PHE A 106 3.83 -1.75 11.69
N ASN A 107 4.08 -2.97 12.21
CA ASN A 107 4.54 -3.21 13.63
C ASN A 107 6.01 -3.33 14.14
N PRO A 108 7.03 -3.83 13.34
CA PRO A 108 7.84 -2.65 13.54
C PRO A 108 7.55 -1.72 12.38
N PRO A 109 7.85 -0.44 12.58
CA PRO A 109 7.69 0.51 11.49
C PRO A 109 8.50 0.10 10.28
N LEU A 110 7.98 0.39 9.10
CA LEU A 110 8.78 0.33 7.90
C LEU A 110 9.78 1.47 7.90
N THR A 111 10.97 1.19 7.34
CA THR A 111 11.95 2.24 7.11
C THR A 111 11.80 2.77 5.69
N GLY A 112 12.37 3.96 5.47
CA GLY A 112 12.39 4.51 4.13
C GLY A 112 13.07 3.59 3.14
N ALA A 113 14.13 2.91 3.58
CA ALA A 113 14.82 1.96 2.72
C ALA A 113 13.86 0.89 2.25
N GLU A 114 13.08 0.32 3.18
CA GLU A 114 12.19 -0.77 2.84
C GLU A 114 11.10 -0.32 1.87
N VAL A 115 10.57 0.88 2.04
CA VAL A 115 9.50 1.34 1.15
C VAL A 115 10.06 1.60 -0.24
N HIS A 116 11.20 2.29 -0.31
CA HIS A 116 11.82 2.57 -1.61
C HIS A 116 12.21 1.27 -2.31
N ASP A 117 12.80 0.33 -1.57
CA ASP A 117 13.18 -0.97 -2.09
C ASP A 117 11.99 -1.84 -2.50
N GLU A 118 10.76 -1.41 -2.17
CA GLU A 118 9.56 -2.23 -2.35
C GLU A 118 9.71 -3.61 -1.71
N GLU A 119 10.34 -3.64 -0.54
CA GLU A 119 10.57 -4.91 0.13
C GLU A 119 9.23 -5.56 0.46
N GLY A 120 9.12 -6.84 0.18
CA GLY A 120 7.92 -7.59 0.50
C GLY A 120 6.78 -7.47 -0.49
N THR A 121 6.96 -6.74 -1.60
CA THR A 121 5.92 -6.58 -2.59
C THR A 121 6.45 -6.88 -3.97
N TYR A 122 5.61 -7.52 -4.78
CA TYR A 122 5.92 -7.89 -6.16
C TYR A 122 4.76 -7.41 -7.02
N PRO A 123 4.88 -6.26 -7.67
CA PRO A 123 3.80 -5.79 -8.57
C PRO A 123 3.66 -6.72 -9.76
N LEU A 124 2.43 -7.11 -10.10
CA LEU A 124 2.18 -8.09 -11.15
C LEU A 124 1.40 -7.56 -12.33
N LEU A 125 0.45 -6.67 -12.11
CA LEU A 125 -0.33 -6.06 -13.18
C LEU A 125 -0.50 -4.60 -12.87
N ALA A 126 -0.10 -3.75 -13.79
CA ALA A 126 -0.17 -2.31 -13.64
C ALA A 126 -1.49 -1.80 -14.19
N PRO A 127 -1.80 -0.52 -13.95
CA PRO A 127 -3.02 0.04 -14.55
C PRO A 127 -2.96 0.05 -16.07
N ILE A 128 -4.14 0.00 -16.69
CA ILE A 128 -4.24 0.10 -18.14
C ILE A 128 -3.52 1.34 -18.63
N THR A 129 -2.89 1.24 -19.80
CA THR A 129 -2.12 2.36 -20.33
C THR A 129 -3.01 3.59 -20.55
N ASP A 130 -2.45 4.76 -20.29
CA ASP A 130 -3.09 6.03 -20.60
C ASP A 130 -2.73 6.54 -21.99
N GLY A 131 -1.98 5.76 -22.78
CA GLY A 131 -1.53 6.18 -24.09
C GLY A 131 -0.17 6.84 -24.14
N SER A 132 0.48 7.01 -22.98
CA SER A 132 1.78 7.67 -22.91
C SER A 132 2.90 6.71 -23.29
N ALA A 133 4.03 7.29 -23.67
CA ALA A 133 5.27 6.56 -23.88
C ALA A 133 6.39 7.39 -23.28
N TRP A 134 7.42 6.70 -22.75
CA TRP A 134 8.55 7.42 -22.18
C TRP A 134 9.24 8.28 -23.23
N SER A 135 9.20 7.85 -24.49
CA SER A 135 9.85 8.57 -25.59
C SER A 135 9.00 9.67 -26.20
N HIS A 136 7.86 10.02 -25.59
CA HIS A 136 7.01 11.11 -26.09
C HIS A 136 7.11 12.29 -25.15
N PRO A 137 7.99 13.25 -25.40
CA PRO A 137 8.06 14.42 -24.52
C PRO A 137 6.83 15.30 -24.61
N GLN A 138 6.13 15.26 -25.73
CA GLN A 138 4.90 16.00 -25.90
C GLN A 138 3.84 15.39 -24.97
#